data_5K3Q
#
_entry.id   5K3Q
#
_cell.length_a   30.751
_cell.length_b   54.556
_cell.length_c   54.479
_cell.angle_alpha   90.000
_cell.angle_beta   100.030
_cell.angle_gamma   90.000
#
_symmetry.space_group_name_H-M   'P 1 21 1'
#
loop_
_entity.id
_entity.type
_entity.pdbx_description
1 polymer 'Tripartite motif-containing protein 5,Tripartite motif-containing protein 5'
2 non-polymer 'ZINC ION'
3 non-polymer 'NITRATE ION'
4 water water
#
_entity_poly.entity_id   1
_entity_poly.type   'polypeptide(L)'
_entity_poly.pdbx_seq_one_letter_code
;GPGVDHCARHGEKLLLFCQEDSKVICWLCERSQEHRGHHTFLMEEVAQEYHVKLQTALEMLRQKGGDPYMRELISELEHR
LQGSMMDLLQGVDGIIKRIEN
;
_entity_poly.pdbx_strand_id   A,B,C,D
#
loop_
_chem_comp.id
_chem_comp.type
_chem_comp.name
_chem_comp.formula
NO3 non-polymer 'NITRATE ION' 'N O3 -1'
ZN non-polymer 'ZINC ION' 'Zn 2'
#
# COMPACT_ATOMS: atom_id res chain seq x y z
N VAL A 4 -0.03 -5.99 -8.59
CA VAL A 4 -0.79 -5.15 -9.57
C VAL A 4 0.12 -4.13 -10.28
N ASP A 5 -0.18 -3.83 -11.54
CA ASP A 5 0.51 -2.80 -12.32
C ASP A 5 0.05 -1.42 -11.87
N HIS A 6 0.90 -0.42 -12.10
CA HIS A 6 0.57 0.98 -11.82
C HIS A 6 0.44 1.79 -13.11
N CYS A 7 -0.36 2.85 -13.04
CA CYS A 7 -0.73 3.69 -14.19
C CYS A 7 0.44 4.53 -14.66
N ALA A 8 0.65 4.60 -15.98
CA ALA A 8 1.73 5.39 -16.59
C ALA A 8 1.51 6.90 -16.39
N ARG A 9 0.27 7.35 -16.60
CA ARG A 9 -0.13 8.74 -16.36
C ARG A 9 0.04 9.17 -14.91
N HIS A 10 -0.53 8.41 -13.98
CA HIS A 10 -0.71 8.86 -12.60
C HIS A 10 0.12 8.13 -11.53
N GLY A 11 0.70 6.99 -11.85
CA GLY A 11 1.44 6.18 -10.88
C GLY A 11 0.60 5.43 -9.85
N GLU A 12 -0.71 5.32 -10.07
CA GLU A 12 -1.64 4.69 -9.12
C GLU A 12 -2.04 3.29 -9.58
N LYS A 13 -2.54 2.47 -8.65
CA LYS A 13 -2.84 1.06 -8.93
CA LYS A 13 -2.86 1.06 -8.93
C LYS A 13 -3.90 0.89 -10.02
N LEU A 14 -3.60 0.05 -11.01
CA LEU A 14 -4.52 -0.26 -12.10
C LEU A 14 -5.50 -1.33 -11.64
N LEU A 15 -6.54 -0.89 -10.93
CA LEU A 15 -7.53 -1.78 -10.32
C LEU A 15 -8.98 -1.49 -10.72
N LEU A 16 -9.20 -0.61 -11.69
CA LEU A 16 -10.54 -0.35 -12.21
C LEU A 16 -10.61 -0.74 -13.68
N PHE A 17 -11.52 -1.66 -14.01
CA PHE A 17 -11.75 -2.03 -15.40
C PHE A 17 -12.77 -1.07 -15.97
N CYS A 18 -12.39 -0.34 -17.01
CA CYS A 18 -13.29 0.52 -17.75
C CYS A 18 -13.94 -0.28 -18.89
N GLN A 19 -15.24 -0.51 -18.76
CA GLN A 19 -16.00 -1.28 -19.73
C GLN A 19 -16.03 -0.60 -21.08
N GLU A 20 -16.18 0.72 -21.07
CA GLU A 20 -16.28 1.52 -22.29
C GLU A 20 -15.02 1.38 -23.13
N ASP A 21 -13.87 1.47 -22.47
CA ASP A 21 -12.58 1.40 -23.16
C ASP A 21 -11.91 0.04 -23.13
N SER A 22 -12.57 -0.96 -22.57
CA SER A 22 -12.01 -2.33 -22.46
C SER A 22 -10.56 -2.33 -21.98
N LYS A 23 -10.28 -1.56 -20.93
CA LYS A 23 -8.94 -1.54 -20.34
C LYS A 23 -8.98 -1.17 -18.89
N VAL A 24 -7.87 -1.48 -18.21
CA VAL A 24 -7.72 -1.16 -16.79
CA VAL A 24 -7.71 -1.16 -16.79
C VAL A 24 -7.18 0.26 -16.65
N ILE A 25 -7.77 1.00 -15.70
CA ILE A 25 -7.42 2.38 -15.42
C ILE A 25 -7.25 2.52 -13.90
N CYS A 26 -6.79 3.68 -13.46
CA CYS A 26 -6.69 3.97 -12.00
C CYS A 26 -7.76 4.96 -11.54
N TRP A 27 -7.84 5.14 -10.22
CA TRP A 27 -8.83 6.05 -9.65
C TRP A 27 -8.69 7.51 -10.13
N LEU A 28 -7.46 7.94 -10.41
CA LEU A 28 -7.22 9.26 -11.02
C LEU A 28 -7.63 9.32 -12.51
N CYS A 29 -7.42 8.22 -13.23
CA CYS A 29 -8.00 8.09 -14.59
C CYS A 29 -9.51 8.24 -14.55
N GLU A 30 -10.15 7.58 -13.58
CA GLU A 30 -11.60 7.65 -13.42
C GLU A 30 -12.12 9.06 -13.14
N ARG A 31 -11.36 9.84 -12.38
CA ARG A 31 -11.65 11.28 -12.17
C ARG A 31 -11.37 12.18 -13.40
N SER A 32 -10.48 11.75 -14.31
CA SER A 32 -10.02 12.61 -15.41
C SER A 32 -11.05 12.70 -16.52
N GLN A 33 -10.99 13.79 -17.30
CA GLN A 33 -11.88 14.00 -18.46
C GLN A 33 -11.95 12.82 -19.42
N GLU A 34 -10.84 12.09 -19.54
CA GLU A 34 -10.70 10.94 -20.43
C GLU A 34 -11.66 9.77 -20.13
N HIS A 35 -12.13 9.67 -18.88
CA HIS A 35 -13.08 8.62 -18.49
C HIS A 35 -14.33 9.18 -17.82
N ARG A 36 -14.73 10.38 -18.26
CA ARG A 36 -15.90 11.07 -17.73
C ARG A 36 -17.20 10.36 -18.12
N GLY A 37 -17.90 9.85 -17.11
CA GLY A 37 -19.15 9.11 -17.31
C GLY A 37 -18.98 7.65 -17.72
N HIS A 38 -17.77 7.12 -17.61
CA HIS A 38 -17.49 5.74 -18.02
C HIS A 38 -17.79 4.79 -16.84
N HIS A 39 -18.42 3.65 -17.15
CA HIS A 39 -18.74 2.64 -16.14
C HIS A 39 -17.48 1.81 -15.81
N THR A 40 -17.13 1.75 -14.53
CA THR A 40 -15.95 1.00 -14.08
C THR A 40 -16.31 -0.08 -13.05
N PHE A 41 -15.47 -1.11 -13.00
CA PHE A 41 -15.67 -2.25 -12.10
C PHE A 41 -14.42 -2.42 -11.25
N LEU A 42 -14.58 -2.43 -9.93
CA LEU A 42 -13.43 -2.58 -9.03
C LEU A 42 -12.93 -4.03 -9.05
N MET A 43 -11.63 -4.17 -9.26
CA MET A 43 -10.96 -5.47 -9.25
C MET A 43 -10.38 -5.65 -7.86
N GLU A 44 -10.63 -6.82 -7.27
CA GLU A 44 -10.04 -7.19 -5.98
C GLU A 44 -8.61 -7.58 -6.30
N GLU A 45 -7.65 -7.02 -5.57
CA GLU A 45 -6.22 -7.20 -5.86
C GLU A 45 -5.81 -8.66 -5.62
N VAL A 46 -5.31 -9.32 -6.66
CA VAL A 46 -4.92 -10.74 -6.61
C VAL A 46 -3.43 -10.82 -6.85
N GLY B 3 4.40 13.89 4.07
CA GLY B 3 3.48 13.03 3.29
C GLY B 3 2.18 12.74 4.02
N VAL B 4 1.12 12.47 3.26
CA VAL B 4 -0.17 12.09 3.81
C VAL B 4 -0.07 10.71 4.46
N ASP B 5 -0.96 10.47 5.42
CA ASP B 5 -1.07 9.17 6.04
C ASP B 5 -1.72 8.18 5.06
N HIS B 6 -1.59 6.91 5.40
CA HIS B 6 -2.17 5.80 4.68
C HIS B 6 -3.38 5.28 5.43
N CYS B 7 -4.36 4.84 4.66
CA CYS B 7 -5.60 4.33 5.20
C CYS B 7 -5.38 3.04 5.99
N ALA B 8 -5.93 2.98 7.20
CA ALA B 8 -5.81 1.78 8.04
C ALA B 8 -6.45 0.52 7.41
N ARG B 9 -7.56 0.72 6.71
CA ARG B 9 -8.34 -0.36 6.12
C ARG B 9 -7.72 -0.89 4.83
N HIS B 10 -7.26 0.04 3.97
CA HIS B 10 -6.81 -0.30 2.62
C HIS B 10 -5.33 -0.13 2.33
N GLY B 11 -4.64 0.70 3.12
CA GLY B 11 -3.23 0.96 2.94
C GLY B 11 -2.94 2.02 1.90
N GLU B 12 -3.97 2.54 1.23
CA GLU B 12 -3.80 3.56 0.21
C GLU B 12 -3.69 4.94 0.86
N LYS B 13 -3.03 5.87 0.17
CA LYS B 13 -2.83 7.24 0.68
C LYS B 13 -4.18 7.93 0.91
N LEU B 14 -4.26 8.68 2.02
CA LEU B 14 -5.48 9.38 2.39
C LEU B 14 -5.57 10.72 1.65
N LEU B 15 -5.90 10.67 0.37
CA LEU B 15 -5.84 11.85 -0.51
C LEU B 15 -7.19 12.51 -0.77
N LEU B 16 -8.26 12.01 -0.15
CA LEU B 16 -9.60 12.58 -0.29
C LEU B 16 -10.10 13.03 1.08
N PHE B 17 -10.67 14.24 1.14
CA PHE B 17 -11.42 14.69 2.32
C PHE B 17 -12.91 14.56 2.05
N CYS B 18 -13.61 13.81 2.89
CA CYS B 18 -15.06 13.73 2.83
C CYS B 18 -15.69 14.79 3.72
N GLN B 19 -16.45 15.70 3.12
CA GLN B 19 -17.02 16.84 3.87
C GLN B 19 -18.15 16.42 4.81
N GLU B 20 -19.00 15.50 4.37
CA GLU B 20 -20.12 15.03 5.18
C GLU B 20 -19.62 14.22 6.38
N ASP B 21 -18.58 13.44 6.19
CA ASP B 21 -17.96 12.68 7.28
C ASP B 21 -16.83 13.40 8.01
N SER B 22 -16.43 14.57 7.53
CA SER B 22 -15.42 15.40 8.21
C SER B 22 -14.10 14.67 8.45
N LYS B 23 -13.69 13.87 7.48
CA LYS B 23 -12.49 13.05 7.64
C LYS B 23 -11.86 12.77 6.30
N VAL B 24 -10.57 12.45 6.35
CA VAL B 24 -9.85 12.01 5.15
C VAL B 24 -10.08 10.53 4.93
N ILE B 25 -10.22 10.15 3.66
CA ILE B 25 -10.43 8.77 3.23
C ILE B 25 -9.53 8.48 2.01
N CYS B 26 -9.46 7.21 1.61
CA CYS B 26 -8.76 6.86 0.38
C CYS B 26 -9.78 6.51 -0.69
N TRP B 27 -9.28 6.36 -1.90
CA TRP B 27 -10.16 6.10 -3.04
C TRP B 27 -10.97 4.82 -2.88
N LEU B 28 -10.37 3.80 -2.24
CA LEU B 28 -11.12 2.56 -1.95
C LEU B 28 -12.24 2.78 -0.93
N CYS B 29 -12.01 3.64 0.07
CA CYS B 29 -13.07 4.06 0.99
C CYS B 29 -14.21 4.73 0.23
N GLU B 30 -13.86 5.67 -0.64
CA GLU B 30 -14.84 6.45 -1.43
C GLU B 30 -15.77 5.56 -2.27
N ARG B 31 -15.25 4.45 -2.78
CA ARG B 31 -16.05 3.51 -3.58
C ARG B 31 -17.09 2.72 -2.77
N SER B 32 -16.90 2.63 -1.45
CA SER B 32 -17.89 1.98 -0.57
C SER B 32 -19.19 2.78 -0.57
N GLN B 33 -20.32 2.07 -0.39
CA GLN B 33 -21.64 2.69 -0.34
C GLN B 33 -21.79 3.68 0.84
N GLU B 34 -20.89 3.58 1.83
CA GLU B 34 -20.74 4.51 2.96
C GLU B 34 -20.80 6.01 2.59
N HIS B 35 -20.08 6.38 1.53
CA HIS B 35 -20.02 7.77 1.06
C HIS B 35 -20.69 7.94 -0.31
N ARG B 36 -21.59 7.02 -0.66
CA ARG B 36 -22.18 6.96 -2.00
C ARG B 36 -23.11 8.15 -2.20
N GLY B 37 -22.54 9.22 -2.74
CA GLY B 37 -23.21 10.52 -2.87
C GLY B 37 -22.59 11.65 -2.07
N HIS B 38 -21.41 11.41 -1.49
CA HIS B 38 -20.72 12.44 -0.69
C HIS B 38 -19.81 13.32 -1.53
N HIS B 39 -19.61 14.53 -1.04
CA HIS B 39 -18.74 15.52 -1.63
C HIS B 39 -17.32 15.27 -1.11
N THR B 40 -16.44 14.72 -1.95
CA THR B 40 -15.03 14.53 -1.59
C THR B 40 -14.12 15.51 -2.31
N PHE B 41 -13.10 15.99 -1.60
CA PHE B 41 -12.11 16.92 -2.12
C PHE B 41 -10.77 16.22 -2.27
N LEU B 42 -10.14 16.36 -3.43
CA LEU B 42 -8.82 15.80 -3.69
C LEU B 42 -7.73 16.73 -3.17
N MET B 43 -6.81 16.21 -2.37
CA MET B 43 -5.67 17.01 -1.90
C MET B 43 -4.37 16.49 -2.50
N GLU B 44 -3.31 17.32 -2.47
CA GLU B 44 -2.04 16.97 -3.10
C GLU B 44 -0.86 16.90 -2.13
N GLU B 45 -0.08 15.82 -2.23
CA GLU B 45 1.27 15.68 -1.65
C GLU B 45 1.64 14.20 -1.51
N VAL C 4 6.09 -1.78 -8.14
CA VAL C 4 7.07 -2.83 -7.70
C VAL C 4 6.44 -4.23 -7.77
N ASP C 5 7.27 -5.24 -8.02
CA ASP C 5 6.82 -6.62 -8.09
C ASP C 5 6.58 -7.18 -6.70
N HIS C 6 5.85 -8.30 -6.65
CA HIS C 6 5.50 -8.96 -5.39
C HIS C 6 6.08 -10.37 -5.32
N CYS C 7 6.47 -10.75 -4.12
CA CYS C 7 7.12 -12.04 -3.87
C CYS C 7 6.14 -13.20 -4.11
N ALA C 8 6.59 -14.19 -4.88
CA ALA C 8 5.77 -15.38 -5.19
C ALA C 8 5.52 -16.27 -3.97
N ARG C 9 6.41 -16.20 -2.99
CA ARG C 9 6.28 -16.98 -1.76
C ARG C 9 5.30 -16.33 -0.79
N HIS C 10 5.46 -15.03 -0.55
CA HIS C 10 4.73 -14.34 0.53
C HIS C 10 3.77 -13.22 0.13
N GLY C 11 3.73 -12.87 -1.15
CA GLY C 11 2.87 -11.80 -1.64
C GLY C 11 3.21 -10.38 -1.19
N GLU C 12 4.42 -10.18 -0.65
CA GLU C 12 4.87 -8.88 -0.18
C GLU C 12 5.80 -8.25 -1.21
N LYS C 13 6.03 -6.95 -1.03
CA LYS C 13 6.79 -6.15 -2.00
C LYS C 13 8.26 -6.56 -2.09
N LEU C 14 8.74 -6.73 -3.32
CA LEU C 14 10.11 -7.11 -3.57
C LEU C 14 10.98 -5.85 -3.57
N LEU C 15 11.34 -5.44 -2.36
CA LEU C 15 12.07 -4.19 -2.10
C LEU C 15 13.39 -4.36 -1.33
N LEU C 16 13.79 -5.60 -1.07
CA LEU C 16 15.06 -5.85 -0.37
C LEU C 16 16.04 -6.58 -1.27
N PHE C 17 17.26 -6.06 -1.38
CA PHE C 17 18.33 -6.74 -2.10
C PHE C 17 19.14 -7.55 -1.10
N CYS C 18 19.24 -8.85 -1.33
CA CYS C 18 20.09 -9.73 -0.50
C CYS C 18 21.49 -9.83 -1.07
N GLN C 19 22.45 -9.37 -0.29
CA GLN C 19 23.87 -9.33 -0.68
C GLN C 19 24.43 -10.71 -0.97
N GLU C 20 24.19 -11.66 -0.06
CA GLU C 20 24.76 -12.99 -0.19
C GLU C 20 24.23 -13.78 -1.39
N ASP C 21 22.95 -13.55 -1.72
CA ASP C 21 22.24 -14.30 -2.77
C ASP C 21 22.16 -13.52 -4.07
N SER C 22 22.53 -12.24 -4.01
CA SER C 22 22.47 -11.33 -5.14
C SER C 22 21.07 -11.25 -5.75
N LYS C 23 20.04 -11.38 -4.91
CA LYS C 23 18.67 -11.39 -5.40
C LYS C 23 17.73 -10.51 -4.60
N VAL C 24 16.64 -10.13 -5.26
CA VAL C 24 15.64 -9.27 -4.69
C VAL C 24 14.63 -10.15 -3.98
N ILE C 25 14.35 -9.81 -2.72
CA ILE C 25 13.47 -10.58 -1.86
C ILE C 25 12.52 -9.64 -1.09
N CYS C 26 11.55 -10.21 -0.38
CA CYS C 26 10.68 -9.44 0.50
C CYS C 26 11.07 -9.58 1.98
N TRP C 27 10.44 -8.77 2.82
CA TRP C 27 10.73 -8.79 4.26
C TRP C 27 10.43 -10.14 4.91
N LEU C 28 9.43 -10.87 4.39
CA LEU C 28 9.16 -12.23 4.87
C LEU C 28 10.20 -13.26 4.39
N CYS C 29 10.77 -13.05 3.20
CA CYS C 29 11.94 -13.83 2.77
C CYS C 29 13.09 -13.61 3.73
N GLU C 30 13.32 -12.35 4.09
CA GLU C 30 14.45 -11.99 4.96
C GLU C 30 14.41 -12.71 6.31
N ARG C 31 13.19 -12.98 6.81
CA ARG C 31 12.98 -13.74 8.05
C ARG C 31 13.01 -15.27 7.91
N SER C 32 12.98 -15.78 6.68
CA SER C 32 13.01 -17.22 6.44
C SER C 32 14.39 -17.79 6.68
N GLN C 33 14.45 -19.10 6.86
CA GLN C 33 15.70 -19.82 7.06
C GLN C 33 16.70 -19.63 5.92
N GLU C 34 16.18 -19.45 4.71
CA GLU C 34 16.99 -19.36 3.51
C GLU C 34 17.85 -18.10 3.50
N HIS C 35 17.41 -17.06 4.22
CA HIS C 35 18.18 -15.83 4.29
C HIS C 35 18.68 -15.50 5.69
N ARG C 36 18.73 -16.50 6.57
CA ARG C 36 19.21 -16.27 7.92
C ARG C 36 20.67 -15.82 7.90
N GLY C 37 20.96 -14.73 8.62
CA GLY C 37 22.28 -14.12 8.66
C GLY C 37 22.71 -13.36 7.42
N HIS C 38 21.85 -13.25 6.41
CA HIS C 38 22.19 -12.51 5.21
C HIS C 38 21.95 -11.04 5.43
N HIS C 39 22.68 -10.21 4.69
CA HIS C 39 22.61 -8.77 4.83
C HIS C 39 21.80 -8.21 3.68
N THR C 40 20.78 -7.43 4.02
CA THR C 40 19.83 -6.94 3.03
C THR C 40 19.88 -5.42 2.97
N PHE C 41 19.50 -4.88 1.81
CA PHE C 41 19.52 -3.46 1.54
C PHE C 41 18.14 -3.07 1.05
N LEU C 42 17.57 -2.03 1.64
CA LEU C 42 16.30 -1.49 1.17
C LEU C 42 16.53 -0.73 -0.13
N MET C 43 15.81 -1.14 -1.16
CA MET C 43 16.00 -0.63 -2.52
C MET C 43 15.26 0.70 -2.65
N GLU C 44 16.04 1.75 -2.85
CA GLU C 44 15.54 3.12 -2.74
C GLU C 44 14.81 3.53 -4.01
N GLU C 45 13.70 4.24 -3.85
CA GLU C 45 12.83 4.66 -4.94
C GLU C 45 13.28 6.04 -5.45
N VAL D 4 -6.52 -7.43 8.74
CA VAL D 4 -5.34 -6.76 9.38
C VAL D 4 -5.21 -5.32 8.91
N ASP D 5 -4.87 -4.43 9.83
CA ASP D 5 -4.78 -3.01 9.54
C ASP D 5 -3.44 -2.68 8.88
N HIS D 6 -3.43 -1.55 8.18
CA HIS D 6 -2.25 -1.04 7.52
C HIS D 6 -1.68 0.14 8.29
N CYS D 7 -0.36 0.25 8.27
CA CYS D 7 0.37 1.29 8.95
C CYS D 7 0.05 2.68 8.40
N ALA D 8 -0.28 3.62 9.29
CA ALA D 8 -0.56 5.00 8.86
C ALA D 8 0.65 5.69 8.19
N ARG D 9 1.87 5.37 8.62
CA ARG D 9 3.09 5.97 8.10
C ARG D 9 3.46 5.42 6.72
N HIS D 10 3.42 4.10 6.60
CA HIS D 10 3.97 3.37 5.44
C HIS D 10 2.96 2.67 4.55
N GLY D 11 1.76 2.40 5.06
CA GLY D 11 0.72 1.68 4.31
C GLY D 11 0.90 0.17 4.22
N GLU D 12 1.92 -0.36 4.89
CA GLU D 12 2.17 -1.80 4.94
C GLU D 12 1.41 -2.42 6.10
N LYS D 13 1.21 -3.73 6.02
CA LYS D 13 0.38 -4.41 7.02
C LYS D 13 1.07 -4.46 8.37
N LEU D 14 0.29 -4.28 9.42
CA LEU D 14 0.82 -4.19 10.77
C LEU D 14 0.94 -5.61 11.31
N LEU D 15 1.98 -6.31 10.88
CA LEU D 15 2.15 -7.74 11.18
C LEU D 15 3.24 -8.03 12.21
N LEU D 16 3.92 -6.99 12.69
CA LEU D 16 4.97 -7.12 13.71
C LEU D 16 4.48 -6.43 14.96
N PHE D 17 5.15 -6.73 16.07
CA PHE D 17 4.87 -6.09 17.36
C PHE D 17 6.16 -5.55 17.92
N CYS D 18 6.15 -4.30 18.39
CA CYS D 18 7.33 -3.69 19.01
C CYS D 18 7.15 -3.65 20.51
N GLN D 19 8.05 -4.32 21.22
CA GLN D 19 8.00 -4.41 22.68
C GLN D 19 8.08 -3.03 23.35
N GLU D 20 9.10 -2.25 22.98
CA GLU D 20 9.34 -0.93 23.57
C GLU D 20 8.15 0.02 23.42
N ASP D 21 7.58 0.07 22.23
CA ASP D 21 6.41 0.91 21.96
C ASP D 21 5.07 0.25 22.31
N SER D 22 5.12 -1.03 22.64
CA SER D 22 3.96 -1.82 23.01
C SER D 22 2.82 -1.70 22.00
N LYS D 23 3.17 -1.79 20.73
CA LYS D 23 2.19 -1.66 19.66
C LYS D 23 2.61 -2.38 18.40
N VAL D 24 1.63 -2.64 17.54
CA VAL D 24 1.87 -3.23 16.24
C VAL D 24 2.57 -2.21 15.32
N ILE D 25 3.47 -2.72 14.48
CA ILE D 25 4.23 -1.91 13.52
C ILE D 25 4.35 -2.71 12.23
N CYS D 26 4.81 -2.05 11.17
CA CYS D 26 5.07 -2.76 9.89
C CYS D 26 6.56 -2.97 9.67
N TRP D 27 6.91 -3.74 8.65
CA TRP D 27 8.32 -4.01 8.37
C TRP D 27 9.16 -2.76 8.06
N LEU D 28 8.54 -1.70 7.52
CA LEU D 28 9.27 -0.43 7.29
C LEU D 28 9.47 0.34 8.60
N CYS D 29 8.48 0.29 9.49
CA CYS D 29 8.67 0.77 10.88
C CYS D 29 9.90 0.09 11.51
N GLU D 30 9.99 -1.24 11.37
CA GLU D 30 11.08 -2.03 11.96
CA GLU D 30 11.09 -2.01 11.97
C GLU D 30 12.46 -1.53 11.49
N ARG D 31 12.55 -1.13 10.23
CA ARG D 31 13.79 -0.60 9.64
C ARG D 31 14.06 0.87 9.95
N SER D 32 13.02 1.62 10.33
CA SER D 32 13.13 3.06 10.57
C SER D 32 13.86 3.40 11.87
N GLN D 33 14.43 4.60 11.94
CA GLN D 33 15.13 5.06 13.15
C GLN D 33 14.19 5.16 14.37
N GLU D 34 12.90 5.40 14.13
CA GLU D 34 11.88 5.44 15.21
C GLU D 34 11.85 4.17 16.05
N HIS D 35 12.21 3.03 15.45
CA HIS D 35 12.29 1.76 16.16
C HIS D 35 13.72 1.19 16.16
N ARG D 36 14.71 2.08 16.14
CA ARG D 36 16.13 1.69 16.15
C ARG D 36 16.49 1.07 17.49
N GLY D 37 16.99 -0.17 17.46
CA GLY D 37 17.37 -0.90 18.67
C GLY D 37 16.23 -1.53 19.47
N HIS D 38 15.02 -1.48 18.92
CA HIS D 38 13.85 -2.06 19.59
C HIS D 38 13.74 -3.54 19.34
N HIS D 39 12.98 -4.20 20.20
CA HIS D 39 12.81 -5.64 20.16
C HIS D 39 11.46 -5.89 19.48
N THR D 40 11.51 -6.48 18.29
CA THR D 40 10.32 -6.67 17.47
C THR D 40 10.11 -8.15 17.17
N PHE D 41 8.84 -8.49 16.95
CA PHE D 41 8.38 -9.87 16.86
C PHE D 41 7.39 -10.00 15.71
N LEU D 42 7.50 -11.08 14.94
CA LEU D 42 6.44 -11.44 14.01
C LEU D 42 5.31 -12.06 14.82
N MET D 43 4.10 -11.52 14.67
CA MET D 43 2.94 -12.02 15.42
C MET D 43 2.44 -13.34 14.84
N GLU D 44 2.30 -14.36 15.71
CA GLU D 44 1.94 -15.72 15.30
C GLU D 44 0.44 -15.90 15.30
ZN ZN E . -4.43 6.71 -14.14
ZN ZN F . -12.93 4.76 -19.86
ZN ZN G . -9.36 3.44 2.52
ZN ZN H . -18.21 10.29 3.36
N NO3 I . -14.29 5.69 5.87
O1 NO3 I . -14.77 5.16 4.88
O2 NO3 I . -14.90 6.82 6.43
O3 NO3 I . -13.13 5.19 6.46
ZN ZN J . 19.80 -14.16 1.05
ZN ZN K . 9.23 -13.20 0.18
ZN ZN L . 9.44 0.49 18.63
ZN ZN M . 5.09 1.28 9.27
#